data_6CDY
#
_entry.id   6CDY
#
_cell.length_a   122.464
_cell.length_b   61.640
_cell.length_c   80.421
_cell.angle_alpha   90.00
_cell.angle_beta   117.40
_cell.angle_gamma   90.00
#
_symmetry.space_group_name_H-M   'C 1 2 1'
#
loop_
_entity.id
_entity.type
_entity.pdbx_description
1 polymer 'Transcriptional enhancer factor TEF-4'
2 non-polymer 2-[(4H-1,2,4-triazol-3-yl)sulfanyl]-N-{4-[(3s,5s,7s)-tricyclo[3.3.1.1~3,7~]decan-1-yl]phenyl}acetamide
3 water water
#
_entity_poly.entity_id   1
_entity_poly.type   'polypeptide(L)'
_entity_poly.pdbx_seq_one_letter_code
;MAWQARGLGTARLQLVEFSAFVEPPDAVDSYQRHLFVHISQHCPSPGAPPLESVDVRQIYDKFPEKKGGLRELYDRGPPH
AFFLVKFWADLNWGPSGEEAGAGGSISSGGFYGVSSQYESLEHMTLTCSSKVCSFGKQVVEKVETERAQLEDGRFVYRLL
RSPMCEYLVNFLHKLRQLPERYMMNSVLENFTILQVVTNRDTQELLLCTAYVFEVSTSERGAQHHIYRLVRDVEHHHHHH
;
_entity_poly.pdbx_strand_id   A,B
#
loop_
_chem_comp.id
_chem_comp.type
_chem_comp.name
_chem_comp.formula
EY1 non-polymer 2-[(4H-1,2,4-triazol-3-yl)sulfanyl]-N-{4-[(3s,5s,7s)-tricyclo[3.3.1.1~3,7~]decan-1-yl]phenyl}acetamide 'C20 H24 N4 O S'
#
# COMPACT_ATOMS: atom_id res chain seq x y z
N GLY A 7 -19.43 13.18 -16.95
CA GLY A 7 -19.79 13.00 -15.56
C GLY A 7 -19.33 11.67 -15.01
N LEU A 8 -18.15 11.65 -14.39
CA LEU A 8 -17.64 10.44 -13.76
C LEU A 8 -18.33 10.21 -12.42
N GLY A 9 -19.38 9.37 -12.43
CA GLY A 9 -20.12 9.09 -11.22
C GLY A 9 -21.39 8.32 -11.47
N THR A 10 -22.08 8.00 -10.37
CA THR A 10 -23.38 7.36 -10.42
C THR A 10 -24.38 8.22 -9.64
N ALA A 11 -25.57 7.66 -9.38
CA ALA A 11 -26.57 8.36 -8.58
C ALA A 11 -26.11 8.47 -7.13
N ARG A 12 -25.39 7.44 -6.68
CA ARG A 12 -24.99 7.35 -5.27
C ARG A 12 -23.71 8.13 -4.96
N LEU A 13 -22.86 8.30 -5.97
CA LEU A 13 -21.55 8.92 -5.75
C LEU A 13 -20.94 9.45 -7.03
N GLN A 14 -20.39 10.65 -6.96
CA GLN A 14 -19.75 11.29 -8.11
C GLN A 14 -18.39 11.85 -7.72
N LEU A 15 -17.47 11.87 -8.68
CA LEU A 15 -16.18 12.52 -8.50
C LEU A 15 -16.33 14.02 -8.77
N VAL A 16 -15.93 14.83 -7.78
CA VAL A 16 -15.96 16.28 -7.93
C VAL A 16 -14.65 16.75 -8.55
N GLU A 17 -13.55 16.41 -7.91
CA GLU A 17 -12.24 16.85 -8.34
C GLU A 17 -11.19 15.77 -8.09
N PHE A 18 -10.14 15.78 -8.89
CA PHE A 18 -9.01 14.88 -8.70
C PHE A 18 -7.76 15.46 -9.33
N SER A 19 -6.65 15.43 -8.61
CA SER A 19 -5.39 15.91 -9.15
C SER A 19 -4.19 15.25 -8.48
N ALA A 20 -3.11 15.14 -9.24
CA ALA A 20 -1.82 14.70 -8.73
C ALA A 20 -0.84 15.83 -9.03
N PHE A 21 -0.10 16.26 -8.01
CA PHE A 21 0.69 17.48 -8.13
C PHE A 21 2.00 17.46 -7.35
N VAL A 22 2.80 18.51 -7.59
CA VAL A 22 4.01 18.74 -6.83
C VAL A 22 4.07 20.22 -6.45
N GLU A 23 4.54 20.49 -5.23
CA GLU A 23 4.67 21.85 -4.72
C GLU A 23 6.15 22.12 -4.42
N PRO A 24 6.54 23.41 -4.33
CA PRO A 24 7.94 23.82 -4.21
C PRO A 24 8.78 22.98 -3.24
N GLN A 32 3.46 27.79 -6.43
CA GLN A 32 2.13 27.23 -6.67
C GLN A 32 2.22 25.74 -6.99
N ARG A 33 1.07 25.11 -7.17
CA ARG A 33 1.02 23.70 -7.53
C ARG A 33 1.30 23.50 -9.01
N HIS A 34 1.99 22.42 -9.33
CA HIS A 34 2.06 21.93 -10.70
C HIS A 34 1.28 20.63 -10.78
N LEU A 35 0.26 20.62 -11.64
CA LEU A 35 -0.59 19.44 -11.79
C LEU A 35 -0.11 18.57 -12.94
N PHE A 36 0.19 17.32 -12.65
CA PHE A 36 0.56 16.36 -13.69
C PHE A 36 -0.70 15.90 -14.40
N VAL A 37 -1.75 15.71 -13.63
CA VAL A 37 -3.07 15.38 -14.16
C VAL A 37 -4.12 16.06 -13.29
N HIS A 38 -5.29 16.31 -13.87
CA HIS A 38 -6.33 17.06 -13.16
C HIS A 38 -7.70 16.85 -13.77
N ILE A 39 -8.66 16.50 -12.91
CA ILE A 39 -10.08 16.46 -13.27
C ILE A 39 -10.82 17.41 -12.34
N SER A 40 -11.59 18.34 -12.92
CA SER A 40 -12.46 19.22 -12.14
C SER A 40 -13.84 19.25 -12.78
N GLN A 41 -14.86 19.31 -11.94
CA GLN A 41 -16.25 19.30 -12.40
C GLN A 41 -17.11 20.17 -11.50
N LEU A 51 -21.25 10.63 -23.14
CA LEU A 51 -20.02 10.01 -22.68
C LEU A 51 -19.68 8.81 -23.56
N GLU A 52 -18.49 8.81 -24.13
CA GLU A 52 -18.07 7.72 -25.01
C GLU A 52 -17.96 6.41 -24.24
N SER A 53 -17.82 5.32 -24.98
CA SER A 53 -17.80 3.98 -24.39
C SER A 53 -16.56 3.18 -24.81
N VAL A 54 -16.15 2.26 -23.94
CA VAL A 54 -15.02 1.37 -24.22
C VAL A 54 -15.33 -0.02 -23.69
N ASP A 55 -14.91 -1.05 -24.42
CA ASP A 55 -15.15 -2.42 -24.00
C ASP A 55 -14.13 -2.86 -22.95
N VAL A 56 -14.60 -3.44 -21.86
CA VAL A 56 -13.72 -3.85 -20.77
C VAL A 56 -12.75 -4.91 -21.26
N ARG A 57 -13.19 -5.68 -22.26
CA ARG A 57 -12.37 -6.72 -22.87
C ARG A 57 -11.02 -6.16 -23.29
N GLN A 58 -11.01 -4.90 -23.73
CA GLN A 58 -9.80 -4.26 -24.21
C GLN A 58 -8.69 -4.30 -23.17
N ILE A 59 -9.04 -4.24 -21.90
CA ILE A 59 -8.05 -4.02 -20.85
C ILE A 59 -8.21 -4.94 -19.62
N TYR A 60 -8.32 -6.24 -19.83
CA TYR A 60 -8.14 -7.17 -18.73
C TYR A 60 -6.64 -7.37 -18.52
N ASP A 61 -5.90 -7.30 -19.62
CA ASP A 61 -4.47 -7.53 -19.62
C ASP A 61 -3.67 -6.56 -18.74
N LYS A 62 -4.10 -5.31 -18.66
CA LYS A 62 -3.32 -4.28 -17.96
C LYS A 62 -3.59 -4.20 -16.46
N PHE A 63 -4.40 -5.13 -15.95
CA PHE A 63 -4.76 -5.15 -14.53
C PHE A 63 -4.66 -6.59 -14.01
N PRO A 64 -4.69 -6.79 -12.68
CA PRO A 64 -4.53 -8.18 -12.24
C PRO A 64 -5.77 -8.98 -12.59
N GLU A 65 -5.68 -10.30 -12.67
CA GLU A 65 -6.74 -11.08 -13.29
C GLU A 65 -7.30 -12.20 -12.42
N LYS A 66 -6.43 -12.94 -11.75
CA LYS A 66 -6.83 -14.16 -11.07
C LYS A 66 -7.66 -13.89 -9.82
N LYS A 67 -7.62 -12.66 -9.30
CA LYS A 67 -8.46 -12.29 -8.17
C LYS A 67 -8.50 -10.77 -7.99
N GLY A 68 -9.67 -10.27 -7.64
CA GLY A 68 -9.89 -8.85 -7.42
C GLY A 68 -9.53 -8.02 -8.64
N GLY A 69 -9.49 -8.68 -9.79
CA GLY A 69 -9.11 -8.04 -11.03
C GLY A 69 -10.24 -7.18 -11.58
N LEU A 70 -10.00 -6.58 -12.74
CA LEU A 70 -11.04 -5.82 -13.42
C LEU A 70 -12.10 -6.77 -13.94
N ARG A 71 -11.69 -7.99 -14.23
CA ARG A 71 -12.61 -9.03 -14.71
C ARG A 71 -13.60 -9.42 -13.62
N GLU A 72 -13.07 -9.79 -12.45
CA GLU A 72 -13.91 -10.21 -11.33
C GLU A 72 -14.85 -9.11 -10.87
N LEU A 73 -14.33 -7.90 -10.75
CA LEU A 73 -15.14 -6.78 -10.27
C LEU A 73 -16.26 -6.42 -11.24
N TYR A 74 -15.97 -6.50 -12.53
CA TYR A 74 -16.96 -6.14 -13.53
C TYR A 74 -18.03 -7.23 -13.66
N ASP A 75 -17.66 -8.46 -13.33
CA ASP A 75 -18.63 -9.55 -13.31
C ASP A 75 -19.71 -9.30 -12.26
N ARG A 76 -19.28 -8.98 -11.06
CA ARG A 76 -20.18 -8.66 -9.96
C ARG A 76 -21.11 -7.51 -10.35
N GLY A 77 -20.53 -6.45 -10.92
CA GLY A 77 -21.29 -5.27 -11.29
C GLY A 77 -21.40 -4.31 -10.12
N PRO A 78 -22.19 -3.24 -10.28
CA PRO A 78 -22.96 -2.95 -11.50
C PRO A 78 -22.08 -2.33 -12.59
N PRO A 79 -22.43 -2.53 -13.87
CA PRO A 79 -21.59 -2.04 -14.97
C PRO A 79 -21.54 -0.51 -15.05
N HIS A 80 -22.62 0.15 -14.63
CA HIS A 80 -22.72 1.60 -14.75
C HIS A 80 -21.76 2.32 -13.81
N ALA A 81 -21.15 1.57 -12.90
CA ALA A 81 -20.23 2.14 -11.92
C ALA A 81 -18.78 2.05 -12.37
N PHE A 82 -18.56 1.54 -13.59
CA PHE A 82 -17.21 1.31 -14.09
C PHE A 82 -16.83 2.32 -15.17
N PHE A 83 -15.72 3.03 -14.94
CA PHE A 83 -15.26 4.08 -15.85
C PHE A 83 -13.80 3.91 -16.23
N LEU A 84 -13.44 4.49 -17.36
CA LEU A 84 -12.05 4.54 -17.81
C LEU A 84 -11.66 6.00 -18.04
N VAL A 85 -10.47 6.37 -17.57
CA VAL A 85 -9.93 7.70 -17.76
C VAL A 85 -8.55 7.63 -18.39
N LYS A 86 -8.40 8.22 -19.57
CA LYS A 86 -7.08 8.34 -20.17
C LYS A 86 -6.53 9.73 -19.88
N PHE A 87 -5.34 9.77 -19.29
CA PHE A 87 -4.64 11.02 -19.01
C PHE A 87 -3.53 11.28 -20.01
N TRP A 88 -3.34 12.55 -20.34
CA TRP A 88 -2.14 13.02 -21.02
C TRP A 88 -1.45 13.95 -20.04
N ALA A 89 -0.43 13.44 -19.35
CA ALA A 89 0.15 14.13 -18.21
C ALA A 89 1.18 15.19 -18.58
N ASP A 90 1.27 16.23 -17.74
CA ASP A 90 2.24 17.30 -17.91
C ASP A 90 3.43 17.09 -16.98
N LEU A 91 4.56 16.67 -17.55
CA LEU A 91 5.76 16.35 -16.77
C LEU A 91 6.84 17.42 -16.85
N ASN A 92 6.45 18.63 -17.25
CA ASN A 92 7.40 19.73 -17.40
C ASN A 92 7.23 20.80 -16.32
N TRP A 93 8.08 20.76 -15.31
CA TRP A 93 8.07 21.74 -14.23
C TRP A 93 9.49 22.03 -13.74
N GLY A 110 10.46 18.87 -3.05
CA GLY A 110 9.09 19.32 -3.08
C GLY A 110 8.13 18.31 -2.48
N PHE A 111 6.88 18.72 -2.31
CA PHE A 111 5.85 17.82 -1.78
C PHE A 111 5.02 17.24 -2.92
N TYR A 112 5.08 15.92 -3.08
CA TYR A 112 4.28 15.25 -4.09
C TYR A 112 3.01 14.71 -3.46
N GLY A 113 1.86 15.25 -3.90
CA GLY A 113 0.59 14.93 -3.30
C GLY A 113 -0.49 14.54 -4.29
N VAL A 114 -1.55 13.94 -3.75
CA VAL A 114 -2.76 13.64 -4.51
C VAL A 114 -3.95 14.19 -3.75
N SER A 115 -4.88 14.79 -4.49
CA SER A 115 -6.11 15.31 -3.90
C SER A 115 -7.31 14.77 -4.66
N SER A 116 -8.33 14.34 -3.93
CA SER A 116 -9.58 13.90 -4.52
C SER A 116 -10.76 14.35 -3.69
N GLN A 117 -11.89 14.55 -4.34
CA GLN A 117 -13.12 14.91 -3.66
C GLN A 117 -14.33 14.25 -4.32
N TYR A 118 -15.13 13.58 -3.51
CA TYR A 118 -16.39 13.00 -3.97
C TYR A 118 -17.54 13.70 -3.27
N GLU A 119 -18.75 13.42 -3.72
CA GLU A 119 -19.93 13.91 -3.01
C GLU A 119 -21.14 13.03 -3.30
N SER A 120 -22.13 13.10 -2.42
CA SER A 120 -23.35 12.31 -2.52
C SER A 120 -24.48 12.93 -1.74
N LEU A 121 -25.67 12.38 -1.90
CA LEU A 121 -26.85 12.83 -1.17
C LEU A 121 -27.07 11.97 0.08
N GLU A 122 -26.48 10.78 0.07
CA GLU A 122 -26.56 9.86 1.21
C GLU A 122 -25.36 10.05 2.13
N HIS A 123 -25.58 9.95 3.43
CA HIS A 123 -24.46 9.95 4.37
C HIS A 123 -23.81 8.57 4.34
N MET A 124 -22.51 8.55 4.03
CA MET A 124 -21.78 7.30 3.91
C MET A 124 -20.37 7.42 4.48
N THR A 125 -19.74 6.26 4.68
CA THR A 125 -18.32 6.17 4.96
C THR A 125 -17.69 5.36 3.84
N LEU A 126 -16.69 5.94 3.17
CA LEU A 126 -16.12 5.35 1.98
C LEU A 126 -14.79 4.64 2.24
N THR A 127 -14.58 3.54 1.53
CA THR A 127 -13.27 2.91 1.46
C THR A 127 -12.72 3.12 0.05
N CYS A 128 -11.59 3.79 -0.04
CA CYS A 128 -10.97 4.09 -1.33
C CYS A 128 -9.72 3.24 -1.52
N SER A 129 -9.79 2.30 -2.45
CA SER A 129 -8.68 1.43 -2.78
C SER A 129 -8.01 1.89 -4.07
N SER A 130 -6.68 1.95 -4.06
CA SER A 130 -5.91 2.36 -5.23
C SER A 130 -4.80 1.33 -5.50
N LYS A 131 -4.93 0.65 -6.64
CA LYS A 131 -3.96 -0.36 -7.05
C LYS A 131 -3.10 0.14 -8.20
N VAL A 132 -1.83 0.40 -7.93
CA VAL A 132 -0.89 0.73 -8.99
C VAL A 132 -0.35 -0.57 -9.60
N CYS A 133 -0.44 -0.70 -10.92
CA CYS A 133 0.00 -1.90 -11.60
C CYS A 133 1.08 -1.61 -12.63
N SER A 134 2.10 -2.46 -12.64
CA SER A 134 3.16 -2.42 -13.64
C SER A 134 3.23 -3.75 -14.37
N PHE A 135 2.99 -3.71 -15.67
CA PHE A 135 2.98 -4.92 -16.50
C PHE A 135 1.96 -5.92 -16.00
N GLY A 136 0.78 -5.41 -15.62
CA GLY A 136 -0.32 -6.26 -15.19
C GLY A 136 -0.22 -6.71 -13.75
N LYS A 137 0.95 -6.51 -13.14
CA LYS A 137 1.19 -6.92 -11.76
C LYS A 137 1.02 -5.76 -10.79
N GLN A 138 0.31 -6.01 -9.70
CA GLN A 138 0.12 -5.02 -8.65
C GLN A 138 1.44 -4.79 -7.92
N VAL A 139 1.86 -3.53 -7.83
CA VAL A 139 3.08 -3.17 -7.13
C VAL A 139 2.79 -2.25 -5.95
N VAL A 140 1.62 -1.61 -5.95
CA VAL A 140 1.17 -0.82 -4.80
C VAL A 140 -0.31 -0.98 -4.57
N GLU A 141 -0.71 -1.17 -3.31
CA GLU A 141 -2.10 -1.03 -2.92
C GLU A 141 -2.21 -0.02 -1.78
N LYS A 142 -3.07 0.97 -1.97
CA LYS A 142 -3.30 2.00 -0.97
C LYS A 142 -4.78 2.04 -0.60
N VAL A 143 -5.07 1.80 0.67
CA VAL A 143 -6.45 1.82 1.17
C VAL A 143 -6.63 2.97 2.15
N GLU A 144 -7.64 3.79 1.88
CA GLU A 144 -7.95 4.93 2.74
C GLU A 144 -9.44 4.99 3.07
N THR A 145 -9.76 5.61 4.20
CA THR A 145 -11.12 5.78 4.65
C THR A 145 -11.43 7.26 4.80
N GLU A 146 -12.63 7.67 4.38
CA GLU A 146 -13.07 9.05 4.54
C GLU A 146 -14.56 9.09 4.87
N ARG A 147 -14.88 9.73 6.00
CA ARG A 147 -16.26 9.85 6.44
C ARG A 147 -16.90 11.08 5.82
N ALA A 148 -18.22 11.03 5.65
CA ALA A 148 -18.95 12.13 5.04
C ALA A 148 -18.87 13.40 5.89
N GLN A 149 -18.78 14.54 5.20
CA GLN A 149 -18.80 15.85 5.83
C GLN A 149 -19.96 16.66 5.24
N LEU A 150 -20.87 17.12 6.10
CA LEU A 150 -22.03 17.87 5.65
C LEU A 150 -21.64 19.28 5.20
N GLU A 151 -21.97 19.61 3.95
CA GLU A 151 -21.66 20.92 3.41
C GLU A 151 -22.63 21.31 2.29
N ASP A 152 -23.39 22.37 2.51
CA ASP A 152 -24.28 22.93 1.50
C ASP A 152 -25.33 21.95 1.00
N GLY A 153 -26.08 21.35 1.93
CA GLY A 153 -27.18 20.46 1.57
C GLY A 153 -26.75 19.16 0.91
N ARG A 154 -25.45 18.84 1.01
CA ARG A 154 -24.91 17.60 0.47
C ARG A 154 -23.74 17.11 1.31
N PHE A 155 -23.28 15.89 1.03
CA PHE A 155 -22.13 15.32 1.73
C PHE A 155 -20.91 15.29 0.82
N VAL A 156 -19.80 15.86 1.30
CA VAL A 156 -18.56 15.85 0.56
C VAL A 156 -17.56 14.89 1.21
N TYR A 157 -16.66 14.35 0.41
CA TYR A 157 -15.64 13.43 0.88
C TYR A 157 -14.27 13.89 0.41
N ARG A 158 -13.58 14.67 1.24
CA ARG A 158 -12.31 15.29 0.85
C ARG A 158 -11.10 14.50 1.33
N LEU A 159 -10.42 13.85 0.39
CA LEU A 159 -9.17 13.14 0.65
C LEU A 159 -8.03 13.95 0.04
N LEU A 160 -7.57 14.97 0.77
CA LEU A 160 -6.68 15.98 0.21
C LEU A 160 -5.25 15.93 0.74
N ARG A 161 -4.33 16.35 -0.12
CA ARG A 161 -2.90 16.38 0.18
C ARG A 161 -2.40 15.06 0.75
N SER A 162 -2.99 13.96 0.29
CA SER A 162 -2.48 12.63 0.62
C SER A 162 -1.11 12.48 -0.03
N PRO A 163 -0.06 12.24 0.77
CA PRO A 163 1.27 12.13 0.15
C PRO A 163 1.37 11.03 -0.89
N MET A 164 1.84 11.39 -2.07
CA MET A 164 2.05 10.43 -3.14
C MET A 164 3.07 9.38 -2.69
N CYS A 165 2.75 8.12 -2.96
CA CYS A 165 3.56 7.00 -2.48
C CYS A 165 4.97 7.06 -3.05
N GLU A 166 5.91 6.47 -2.32
CA GLU A 166 7.32 6.56 -2.64
C GLU A 166 7.64 5.96 -4.02
N TYR A 167 6.85 4.97 -4.42
CA TYR A 167 7.08 4.26 -5.68
C TYR A 167 6.83 5.18 -6.88
N LEU A 168 5.73 5.92 -6.84
CA LEU A 168 5.36 6.80 -7.95
C LEU A 168 6.23 8.05 -8.00
N VAL A 169 6.65 8.54 -6.84
CA VAL A 169 7.56 9.68 -6.81
C VAL A 169 8.88 9.28 -7.46
N ASN A 170 9.38 8.10 -7.10
CA ASN A 170 10.61 7.57 -7.68
C ASN A 170 10.45 7.30 -9.17
N PHE A 171 9.31 6.75 -9.57
CA PHE A 171 9.02 6.47 -10.97
C PHE A 171 8.92 7.75 -11.77
N LEU A 172 8.29 8.75 -11.17
CA LEU A 172 8.10 10.05 -11.81
C LEU A 172 9.43 10.74 -12.12
N HIS A 173 10.35 10.74 -11.17
CA HIS A 173 11.63 11.41 -11.36
C HIS A 173 12.48 10.72 -12.42
N LYS A 174 12.27 9.42 -12.62
CA LYS A 174 12.93 8.68 -13.69
C LYS A 174 12.29 8.99 -15.03
N LEU A 175 10.97 8.92 -15.06
CA LEU A 175 10.19 9.18 -16.27
C LEU A 175 10.53 10.58 -16.80
N ARG A 176 10.79 11.49 -15.87
CA ARG A 176 11.20 12.86 -16.21
C ARG A 176 12.48 12.89 -17.03
N GLN A 177 13.40 11.95 -16.76
CA GLN A 177 14.73 11.98 -17.35
C GLN A 177 14.72 11.70 -18.84
N LEU A 178 13.70 11.01 -19.32
CA LEU A 178 13.69 10.50 -20.69
C LEU A 178 13.80 11.63 -21.73
N PRO A 179 14.53 11.37 -22.84
CA PRO A 179 14.80 12.43 -23.82
C PRO A 179 13.64 12.75 -24.75
N GLU A 180 12.72 11.80 -24.93
CA GLU A 180 11.64 11.95 -25.91
C GLU A 180 10.31 11.53 -25.32
N ARG A 181 9.23 12.17 -25.79
CA ARG A 181 7.89 11.85 -25.32
C ARG A 181 7.47 10.46 -25.75
N TYR A 182 7.92 10.02 -26.92
CA TYR A 182 7.53 8.71 -27.43
C TYR A 182 8.13 7.61 -26.55
N MET A 183 9.25 7.90 -25.90
CA MET A 183 9.88 6.96 -24.97
C MET A 183 9.09 6.91 -23.66
N MET A 184 8.63 8.06 -23.20
CA MET A 184 7.79 8.13 -22.01
C MET A 184 6.50 7.33 -22.21
N ASN A 185 5.90 7.48 -23.39
CA ASN A 185 4.67 6.77 -23.72
C ASN A 185 4.88 5.28 -23.84
N SER A 186 6.05 4.89 -24.33
CA SER A 186 6.39 3.48 -24.41
C SER A 186 6.44 2.88 -23.01
N VAL A 187 7.09 3.57 -22.09
CA VAL A 187 7.22 3.10 -20.72
C VAL A 187 5.85 3.09 -20.05
N LEU A 188 5.04 4.11 -20.32
CA LEU A 188 3.77 4.30 -19.64
C LEU A 188 2.69 3.33 -20.11
N GLU A 189 2.88 2.71 -21.27
CA GLU A 189 1.84 1.82 -21.80
C GLU A 189 1.76 0.51 -21.01
N ASN A 190 2.67 0.33 -20.05
CA ASN A 190 2.64 -0.82 -19.15
C ASN A 190 2.38 -0.38 -17.70
N PHE A 191 1.73 0.78 -17.55
CA PHE A 191 1.51 1.37 -16.24
C PHE A 191 0.06 1.83 -16.11
N THR A 192 -0.63 1.26 -15.12
CA THR A 192 -2.05 1.57 -14.91
C THR A 192 -2.42 1.66 -13.44
N ILE A 193 -3.54 2.32 -13.17
CA ILE A 193 -4.07 2.45 -11.83
C ILE A 193 -5.54 2.05 -11.81
N LEU A 194 -5.93 1.29 -10.79
CA LEU A 194 -7.32 0.88 -10.62
C LEU A 194 -7.85 1.39 -9.28
N GLN A 195 -8.81 2.31 -9.36
CA GLN A 195 -9.39 2.91 -8.17
C GLN A 195 -10.79 2.38 -7.88
N VAL A 196 -10.95 1.72 -6.73
CA VAL A 196 -12.25 1.17 -6.31
C VAL A 196 -12.76 1.88 -5.07
N VAL A 197 -13.95 2.46 -5.19
CA VAL A 197 -14.63 3.11 -4.07
C VAL A 197 -15.85 2.30 -3.66
N THR A 198 -15.82 1.76 -2.45
CA THR A 198 -16.90 0.94 -1.93
C THR A 198 -17.57 1.60 -0.73
N ASN A 199 -18.86 1.32 -0.56
CA ASN A 199 -19.54 1.66 0.69
C ASN A 199 -19.02 0.78 1.80
N ARG A 200 -18.18 1.36 2.66
CA ARG A 200 -17.51 0.63 3.73
C ARG A 200 -18.45 -0.20 4.59
N ASP A 201 -19.66 0.31 4.83
CA ASP A 201 -20.57 -0.33 5.75
C ASP A 201 -21.40 -1.44 5.09
N THR A 202 -21.75 -1.25 3.83
CA THR A 202 -22.55 -2.24 3.10
C THR A 202 -21.70 -3.07 2.12
N GLN A 203 -20.41 -2.73 2.01
CA GLN A 203 -19.47 -3.45 1.15
C GLN A 203 -19.82 -3.31 -0.33
N GLU A 204 -20.77 -2.44 -0.66
CA GLU A 204 -21.20 -2.25 -2.04
C GLU A 204 -20.22 -1.39 -2.83
N LEU A 205 -19.95 -1.80 -4.06
CA LEU A 205 -19.17 -0.99 -5.00
C LEU A 205 -19.95 0.25 -5.39
N LEU A 206 -19.30 1.42 -5.27
CA LEU A 206 -19.89 2.68 -5.68
C LEU A 206 -19.27 3.16 -6.98
N LEU A 207 -17.94 3.07 -7.06
CA LEU A 207 -17.20 3.50 -8.24
C LEU A 207 -15.98 2.62 -8.48
N CYS A 208 -15.72 2.33 -9.76
CA CYS A 208 -14.48 1.69 -10.16
C CYS A 208 -13.92 2.41 -11.38
N THR A 209 -12.74 2.99 -11.23
CA THR A 209 -12.11 3.76 -12.29
C THR A 209 -10.78 3.16 -12.69
N ALA A 210 -10.58 3.00 -14.00
CA ALA A 210 -9.31 2.54 -14.55
C ALA A 210 -8.59 3.72 -15.18
N TYR A 211 -7.32 3.92 -14.79
CA TYR A 211 -6.51 5.01 -15.33
C TYR A 211 -5.37 4.48 -16.22
N VAL A 212 -5.29 5.01 -17.45
CA VAL A 212 -4.15 4.76 -18.32
C VAL A 212 -3.52 6.10 -18.69
N PHE A 213 -2.23 6.09 -19.03
CA PHE A 213 -1.47 7.34 -19.12
C PHE A 213 -0.62 7.50 -20.38
N GLU A 214 -0.57 8.74 -20.85
CA GLU A 214 0.42 9.19 -21.82
C GLU A 214 0.98 10.52 -21.34
N VAL A 215 1.94 11.05 -22.06
CA VAL A 215 2.56 12.32 -21.72
C VAL A 215 2.19 13.38 -22.75
N SER A 216 1.77 14.56 -22.27
CA SER A 216 1.48 15.69 -23.14
C SER A 216 2.73 16.57 -23.29
N THR A 217 2.63 17.57 -24.16
CA THR A 217 3.72 18.53 -24.33
C THR A 217 3.55 19.67 -23.31
N SER A 218 4.37 20.70 -23.44
CA SER A 218 4.23 21.90 -22.61
C SER A 218 3.16 22.81 -23.19
N GLU A 219 3.15 22.92 -24.52
CA GLU A 219 2.18 23.76 -25.21
C GLU A 219 0.76 23.22 -24.99
N ARG A 220 0.60 21.91 -25.16
CA ARG A 220 -0.66 21.26 -24.84
C ARG A 220 -0.66 20.80 -23.38
N GLY A 221 -1.42 21.48 -22.53
CA GLY A 221 -1.42 21.19 -21.11
C GLY A 221 -1.93 19.80 -20.80
N ALA A 222 -2.03 19.48 -19.52
CA ALA A 222 -2.60 18.21 -19.10
C ALA A 222 -4.03 18.09 -19.64
N GLN A 223 -4.42 16.86 -19.98
CA GLN A 223 -5.76 16.61 -20.50
C GLN A 223 -6.25 15.24 -20.11
N HIS A 224 -7.56 15.06 -20.11
CA HIS A 224 -8.16 13.78 -19.79
C HIS A 224 -9.39 13.54 -20.66
N HIS A 225 -9.69 12.27 -20.88
CA HIS A 225 -10.90 11.87 -21.60
C HIS A 225 -11.54 10.71 -20.84
N ILE A 226 -12.75 10.93 -20.37
CA ILE A 226 -13.45 9.95 -19.55
C ILE A 226 -14.37 9.09 -20.41
N TYR A 227 -14.33 7.78 -20.16
CA TYR A 227 -15.12 6.81 -20.92
C TYR A 227 -15.95 5.93 -20.00
N ARG A 228 -16.97 5.32 -20.58
CA ARG A 228 -17.84 4.38 -19.89
C ARG A 228 -17.48 2.96 -20.29
N LEU A 229 -17.26 2.09 -19.31
CA LEU A 229 -16.91 0.72 -19.58
C LEU A 229 -18.15 -0.15 -19.78
N VAL A 230 -18.18 -0.91 -20.87
CA VAL A 230 -19.34 -1.71 -21.25
C VAL A 230 -18.93 -3.09 -21.74
N ARG A 231 -19.92 -3.97 -21.92
CA ARG A 231 -19.66 -5.32 -22.42
C ARG A 231 -20.92 -5.90 -23.08
N ALA B 5 16.04 2.01 24.50
CA ALA B 5 14.83 1.25 24.18
C ALA B 5 15.02 -0.22 24.51
N ARG B 6 13.94 -0.88 24.94
CA ARG B 6 14.03 -2.23 25.48
C ARG B 6 13.06 -3.19 24.80
N GLY B 7 12.09 -2.63 24.08
CA GLY B 7 11.14 -3.41 23.30
C GLY B 7 10.96 -2.75 21.95
N LEU B 8 10.22 -3.40 21.05
CA LEU B 8 9.97 -2.81 19.73
C LEU B 8 8.85 -1.79 19.85
N GLY B 9 9.23 -0.54 20.09
CA GLY B 9 8.27 0.53 20.26
C GLY B 9 8.94 1.76 20.84
N THR B 10 8.16 2.83 20.91
CA THR B 10 8.62 4.07 21.51
C THR B 10 7.58 4.49 22.54
N ALA B 11 7.84 5.58 23.25
CA ALA B 11 6.88 6.09 24.23
C ALA B 11 5.60 6.56 23.55
N ARG B 12 5.68 6.78 22.23
CA ARG B 12 4.54 7.24 21.44
C ARG B 12 3.74 6.08 20.86
N LEU B 13 4.44 5.04 20.41
CA LEU B 13 3.78 3.91 19.73
C LEU B 13 4.52 2.61 19.95
N GLN B 14 3.81 1.62 20.48
CA GLN B 14 4.38 0.32 20.76
C GLN B 14 3.67 -0.76 19.97
N LEU B 15 4.45 -1.69 19.42
CA LEU B 15 3.89 -2.87 18.78
C LEU B 15 3.39 -3.82 19.86
N VAL B 16 2.11 -4.15 19.81
CA VAL B 16 1.53 -5.12 20.72
C VAL B 16 1.70 -6.51 20.16
N GLU B 17 1.28 -6.67 18.90
CA GLU B 17 1.26 -7.98 18.28
C GLU B 17 1.41 -7.89 16.77
N PHE B 18 2.14 -8.85 16.22
CA PHE B 18 2.27 -9.01 14.78
C PHE B 18 2.33 -10.49 14.44
N SER B 19 1.65 -10.87 13.36
CA SER B 19 1.67 -12.27 12.93
C SER B 19 1.30 -12.41 11.46
N ALA B 20 1.99 -13.33 10.80
CA ALA B 20 1.63 -13.78 9.46
C ALA B 20 1.23 -15.24 9.58
N PHE B 21 0.01 -15.57 9.16
CA PHE B 21 -0.54 -16.89 9.42
C PHE B 21 -1.33 -17.47 8.25
N VAL B 22 -1.70 -18.74 8.40
CA VAL B 22 -2.63 -19.39 7.48
C VAL B 22 -3.61 -20.24 8.26
N GLU B 23 -4.88 -20.14 7.90
CA GLU B 23 -5.92 -20.97 8.49
C GLU B 23 -6.40 -21.95 7.44
N PRO B 24 -6.27 -23.26 7.72
CA PRO B 24 -6.63 -24.22 6.66
C PRO B 24 -8.13 -24.26 6.37
N PRO B 25 -8.53 -24.78 5.20
CA PRO B 25 -9.92 -24.90 4.78
C PRO B 25 -10.86 -25.47 5.84
N ASP B 26 -10.38 -26.44 6.62
CA ASP B 26 -11.22 -27.13 7.60
C ASP B 26 -11.18 -26.48 8.98
N ALA B 27 -10.73 -25.23 9.04
CA ALA B 27 -10.70 -24.50 10.29
C ALA B 27 -12.13 -24.17 10.75
N VAL B 28 -13.08 -24.28 9.83
CA VAL B 28 -14.49 -24.07 10.15
C VAL B 28 -15.04 -25.18 11.05
N ASP B 29 -14.43 -26.37 10.96
CA ASP B 29 -14.84 -27.51 11.76
C ASP B 29 -14.16 -27.47 13.13
N SER B 30 -12.84 -27.63 13.12
CA SER B 30 -12.01 -27.42 14.31
C SER B 30 -10.95 -26.37 13.99
N TYR B 31 -11.04 -25.22 14.66
CA TYR B 31 -10.19 -24.09 14.31
C TYR B 31 -8.73 -24.35 14.63
N GLN B 32 -7.86 -23.78 13.80
CA GLN B 32 -6.43 -23.77 14.04
C GLN B 32 -5.78 -22.82 13.04
N ARG B 33 -4.60 -22.33 13.39
CA ARG B 33 -3.83 -21.48 12.49
C ARG B 33 -2.35 -21.81 12.61
N HIS B 34 -1.63 -21.63 11.51
CA HIS B 34 -0.19 -21.80 11.50
C HIS B 34 0.46 -20.43 11.46
N LEU B 35 1.41 -20.19 12.35
CA LEU B 35 2.15 -18.93 12.37
C LEU B 35 3.48 -19.06 11.64
N PHE B 36 3.64 -18.31 10.56
CA PHE B 36 4.91 -18.28 9.84
C PHE B 36 5.92 -17.46 10.64
N VAL B 37 5.50 -16.27 11.06
CA VAL B 37 6.29 -15.43 11.96
C VAL B 37 5.32 -14.77 12.94
N HIS B 38 5.83 -14.38 14.11
CA HIS B 38 4.96 -13.93 15.19
C HIS B 38 5.70 -13.14 16.26
N ILE B 39 5.15 -11.98 16.61
CA ILE B 39 5.66 -11.17 17.72
C ILE B 39 4.51 -10.78 18.65
N SER B 40 4.77 -10.86 19.95
CA SER B 40 3.82 -10.36 20.96
C SER B 40 4.60 -9.69 22.09
N GLN B 41 4.14 -8.51 22.49
CA GLN B 41 4.78 -7.74 23.56
C GLN B 41 3.74 -7.20 24.54
N ALA B 48 13.80 -6.10 31.20
CA ALA B 48 14.62 -5.02 31.76
C ALA B 48 15.88 -4.68 30.94
N PRO B 49 16.40 -5.62 30.13
CA PRO B 49 17.68 -5.27 29.50
C PRO B 49 17.49 -4.47 28.21
N PRO B 50 18.51 -3.68 27.82
CA PRO B 50 18.40 -2.97 26.54
C PRO B 50 18.52 -3.93 25.36
N LEU B 51 17.98 -3.55 24.21
CA LEU B 51 18.11 -4.36 23.01
C LEU B 51 19.51 -4.21 22.44
N GLU B 52 19.99 -5.24 21.75
CA GLU B 52 21.26 -5.16 21.05
C GLU B 52 21.12 -4.19 19.89
N SER B 53 22.25 -3.64 19.45
CA SER B 53 22.25 -2.63 18.39
C SER B 53 22.89 -3.12 17.10
N VAL B 54 22.39 -2.62 15.98
CA VAL B 54 22.95 -2.89 14.67
C VAL B 54 23.10 -1.58 13.90
N ASP B 55 24.30 -1.33 13.38
CA ASP B 55 24.56 -0.13 12.59
C ASP B 55 23.77 -0.20 11.29
N VAL B 56 22.90 0.79 11.07
CA VAL B 56 21.96 0.76 9.97
C VAL B 56 22.65 0.81 8.59
N ARG B 57 23.85 1.37 8.55
CA ARG B 57 24.59 1.48 7.29
C ARG B 57 24.83 0.11 6.66
N GLN B 58 24.92 -0.91 7.50
CA GLN B 58 25.21 -2.27 7.06
C GLN B 58 24.10 -2.87 6.20
N ILE B 59 22.87 -2.42 6.44
CA ILE B 59 21.70 -3.00 5.77
C ILE B 59 21.06 -2.04 4.78
N TYR B 60 21.71 -0.89 4.55
CA TYR B 60 21.25 0.07 3.56
C TYR B 60 20.98 -0.59 2.21
N ASP B 61 21.89 -1.48 1.83
CA ASP B 61 21.83 -2.14 0.52
C ASP B 61 20.66 -3.12 0.40
N LYS B 62 20.08 -3.49 1.53
CA LYS B 62 19.03 -4.51 1.56
C LYS B 62 17.63 -3.93 1.30
N PHE B 63 17.54 -2.61 1.18
CA PHE B 63 16.26 -1.92 1.10
C PHE B 63 16.27 -0.86 -0.02
N PRO B 64 15.09 -0.37 -0.42
CA PRO B 64 15.03 0.38 -1.67
C PRO B 64 15.58 1.80 -1.51
N GLU B 65 15.71 2.51 -2.62
CA GLU B 65 16.16 3.89 -2.58
C GLU B 65 15.41 4.64 -3.68
N LYS B 66 15.30 5.97 -3.59
CA LYS B 66 15.90 6.78 -2.54
C LYS B 66 14.84 7.19 -1.52
N LYS B 67 13.72 7.71 -2.02
CA LYS B 67 12.60 8.07 -1.18
C LYS B 67 11.88 6.82 -0.70
N GLY B 68 11.68 6.73 0.60
CA GLY B 68 11.19 5.51 1.22
C GLY B 68 12.31 4.54 1.49
N GLY B 69 13.54 4.97 1.20
CA GLY B 69 14.72 4.17 1.45
C GLY B 69 15.20 4.34 2.87
N LEU B 70 16.05 3.42 3.33
CA LEU B 70 16.47 3.41 4.73
C LEU B 70 17.28 4.64 5.11
N ARG B 71 18.26 5.01 4.30
CA ARG B 71 19.13 6.14 4.62
C ARG B 71 18.32 7.42 4.73
N GLU B 72 17.44 7.66 3.76
CA GLU B 72 16.64 8.87 3.75
C GLU B 72 15.67 8.90 4.92
N LEU B 73 14.97 7.80 5.15
CA LEU B 73 14.06 7.68 6.28
C LEU B 73 14.80 7.92 7.59
N TYR B 74 15.99 7.35 7.70
CA TYR B 74 16.77 7.50 8.92
C TYR B 74 17.27 8.93 9.06
N ASP B 75 17.59 9.55 7.95
CA ASP B 75 18.05 10.94 7.94
C ASP B 75 16.94 11.87 8.42
N ARG B 76 15.70 11.55 8.08
CA ARG B 76 14.56 12.34 8.52
C ARG B 76 14.33 12.16 10.02
N GLY B 77 14.63 10.97 10.52
CA GLY B 77 14.50 10.68 11.94
C GLY B 77 13.07 10.42 12.36
N PRO B 78 12.85 10.23 13.68
CA PRO B 78 13.90 10.23 14.71
C PRO B 78 14.62 8.88 14.80
N PRO B 79 15.93 8.89 15.13
CA PRO B 79 16.73 7.65 15.23
C PRO B 79 16.17 6.58 16.15
N HIS B 80 15.51 6.98 17.24
CA HIS B 80 15.06 6.03 18.26
C HIS B 80 13.89 5.18 17.78
N ALA B 81 13.35 5.52 16.62
CA ALA B 81 12.15 4.85 16.09
C ALA B 81 12.49 3.67 15.18
N PHE B 82 13.78 3.39 15.00
CA PHE B 82 14.22 2.41 14.01
C PHE B 82 14.66 1.07 14.62
N PHE B 83 14.11 -0.02 14.09
CA PHE B 83 14.36 -1.35 14.61
C PHE B 83 14.64 -2.37 13.50
N LEU B 84 15.35 -3.44 13.87
CA LEU B 84 15.61 -4.57 12.97
C LEU B 84 15.12 -5.85 13.63
N VAL B 85 14.28 -6.60 12.90
CA VAL B 85 13.81 -7.90 13.38
C VAL B 85 14.34 -9.02 12.49
N LYS B 86 15.02 -9.97 13.10
CA LYS B 86 15.41 -11.21 12.43
C LYS B 86 14.37 -12.28 12.72
N PHE B 87 13.73 -12.78 11.66
CA PHE B 87 12.75 -13.86 11.79
C PHE B 87 13.32 -15.19 11.37
N TRP B 88 13.06 -16.22 12.17
CA TRP B 88 13.22 -17.59 11.74
C TRP B 88 11.82 -18.11 11.45
N ALA B 89 11.48 -18.19 10.17
CA ALA B 89 10.11 -18.49 9.75
C ALA B 89 9.82 -19.99 9.76
N ASP B 90 8.61 -20.34 10.15
CA ASP B 90 8.12 -21.72 10.10
C ASP B 90 7.30 -21.92 8.82
N LEU B 91 7.87 -22.66 7.86
CA LEU B 91 7.29 -22.80 6.52
C LEU B 91 6.72 -24.19 6.25
N ASN B 92 6.11 -24.81 7.25
CA ASN B 92 5.55 -26.15 7.09
C ASN B 92 4.25 -26.33 7.85
N TRP B 93 3.19 -26.63 7.09
CA TRP B 93 1.86 -26.79 7.65
C TRP B 93 1.03 -27.75 6.81
N GLY B 109 -5.37 -25.59 0.41
CA GLY B 109 -5.38 -24.13 0.31
C GLY B 109 -5.48 -23.49 1.68
N GLY B 110 -6.39 -22.51 1.79
CA GLY B 110 -6.65 -21.84 3.05
C GLY B 110 -6.65 -20.33 2.91
N PHE B 111 -6.78 -19.64 4.05
CA PHE B 111 -6.74 -18.18 4.09
C PHE B 111 -5.42 -17.69 4.67
N TYR B 112 -4.69 -16.92 3.89
CA TYR B 112 -3.41 -16.36 4.31
C TYR B 112 -3.63 -14.91 4.75
N GLY B 113 -3.19 -14.58 5.96
CA GLY B 113 -3.45 -13.28 6.53
C GLY B 113 -2.33 -12.72 7.37
N VAL B 114 -2.42 -11.41 7.62
CA VAL B 114 -1.49 -10.70 8.46
C VAL B 114 -2.26 -9.88 9.48
N SER B 115 -1.79 -9.87 10.73
CA SER B 115 -2.44 -9.10 11.79
C SER B 115 -1.43 -8.24 12.53
N SER B 116 -1.80 -6.98 12.75
CA SER B 116 -0.95 -6.05 13.47
C SER B 116 -1.77 -5.31 14.52
N GLN B 117 -1.15 -4.99 15.64
CA GLN B 117 -1.81 -4.22 16.69
C GLN B 117 -0.80 -3.32 17.40
N TYR B 118 -1.13 -2.03 17.50
CA TYR B 118 -0.29 -1.05 18.17
C TYR B 118 -1.01 -0.39 19.33
N GLU B 119 -0.24 0.26 20.21
CA GLU B 119 -0.80 0.98 21.35
C GLU B 119 -0.16 2.36 21.49
N SER B 120 -0.94 3.31 22.02
CA SER B 120 -0.43 4.65 22.26
C SER B 120 -1.24 5.33 23.36
N LEU B 121 -0.65 6.34 23.99
CA LEU B 121 -1.34 7.16 24.98
C LEU B 121 -2.05 8.34 24.32
N GLU B 122 -1.60 8.70 23.12
CA GLU B 122 -2.22 9.78 22.35
C GLU B 122 -3.09 9.24 21.22
N HIS B 123 -4.16 9.95 20.94
CA HIS B 123 -5.08 9.61 19.86
C HIS B 123 -4.51 10.08 18.53
N MET B 124 -4.40 9.16 17.57
CA MET B 124 -3.84 9.48 16.27
C MET B 124 -4.55 8.70 15.17
N THR B 125 -4.21 9.04 13.93
CA THR B 125 -4.53 8.19 12.77
C THR B 125 -3.21 7.77 12.15
N LEU B 126 -3.02 6.45 12.05
CA LEU B 126 -1.76 5.90 11.56
C LEU B 126 -1.83 5.55 10.08
N THR B 127 -0.73 5.78 9.37
CA THR B 127 -0.55 5.25 8.03
C THR B 127 0.48 4.14 8.12
N CYS B 128 0.11 2.94 7.71
CA CYS B 128 0.98 1.78 7.81
C CYS B 128 1.39 1.27 6.43
N SER B 129 2.67 1.46 6.10
CA SER B 129 3.20 1.03 4.81
C SER B 129 4.16 -0.15 4.98
N SER B 130 4.03 -1.16 4.13
CA SER B 130 4.91 -2.32 4.14
C SER B 130 5.49 -2.56 2.75
N LYS B 131 6.81 -2.41 2.62
CA LYS B 131 7.49 -2.62 1.35
C LYS B 131 8.17 -3.98 1.29
N VAL B 132 7.71 -4.83 0.36
CA VAL B 132 8.40 -6.08 0.08
C VAL B 132 9.50 -5.82 -0.94
N CYS B 133 10.68 -6.37 -0.69
CA CYS B 133 11.84 -6.09 -1.54
C CYS B 133 12.64 -7.33 -1.87
N SER B 134 13.05 -7.42 -3.13
CA SER B 134 13.92 -8.49 -3.62
C SER B 134 15.23 -7.88 -4.11
N PHE B 135 16.34 -8.29 -3.51
CA PHE B 135 17.67 -7.75 -3.84
C PHE B 135 17.70 -6.23 -3.65
N GLY B 136 17.10 -5.76 -2.57
CA GLY B 136 17.13 -4.35 -2.23
C GLY B 136 16.35 -3.46 -3.18
N LYS B 137 15.35 -4.02 -3.85
CA LYS B 137 14.50 -3.27 -4.76
C LYS B 137 13.03 -3.54 -4.43
N GLN B 138 12.26 -2.47 -4.28
CA GLN B 138 10.83 -2.59 -3.99
C GLN B 138 10.13 -3.41 -5.07
N VAL B 139 9.24 -4.30 -4.64
CA VAL B 139 8.55 -5.22 -5.54
C VAL B 139 7.05 -5.12 -5.33
N VAL B 140 6.65 -5.00 -4.07
CA VAL B 140 5.25 -4.84 -3.70
C VAL B 140 5.17 -3.89 -2.51
N GLU B 141 4.08 -3.14 -2.44
CA GLU B 141 3.84 -2.23 -1.34
C GLU B 141 2.36 -2.21 -0.97
N LYS B 142 2.09 -2.19 0.33
CA LYS B 142 0.71 -2.04 0.82
C LYS B 142 0.66 -0.89 1.80
N VAL B 143 -0.37 -0.06 1.68
CA VAL B 143 -0.53 1.12 2.52
C VAL B 143 -1.94 1.18 3.07
N GLU B 144 -2.06 1.07 4.39
CA GLU B 144 -3.35 1.12 5.09
C GLU B 144 -3.35 2.26 6.09
N THR B 145 -4.54 2.76 6.41
CA THR B 145 -4.70 3.74 7.49
C THR B 145 -5.64 3.18 8.55
N GLU B 146 -5.30 3.40 9.81
CA GLU B 146 -6.10 2.93 10.94
C GLU B 146 -6.28 4.03 11.97
N ARG B 147 -7.53 4.28 12.32
CA ARG B 147 -7.88 5.30 13.30
C ARG B 147 -7.92 4.70 14.70
N ALA B 148 -7.45 5.48 15.68
CA ALA B 148 -7.37 5.02 17.06
C ALA B 148 -8.73 4.63 17.62
N GLN B 149 -8.75 3.53 18.37
CA GLN B 149 -9.93 3.11 19.12
C GLN B 149 -9.61 3.07 20.60
N LEU B 150 -10.57 3.49 21.42
CA LEU B 150 -10.37 3.57 22.87
C LEU B 150 -10.34 2.17 23.50
N GLU B 151 -9.61 2.07 24.60
CA GLU B 151 -9.60 0.84 25.40
C GLU B 151 -9.21 1.17 26.85
N ASP B 152 -9.14 0.14 27.69
CA ASP B 152 -8.85 0.33 29.11
C ASP B 152 -7.44 0.90 29.34
N GLY B 153 -7.36 2.23 29.44
CA GLY B 153 -6.12 2.90 29.81
C GLY B 153 -5.23 3.28 28.63
N ARG B 154 -5.74 3.10 27.41
CA ARG B 154 -4.93 3.36 26.22
C ARG B 154 -5.72 3.28 24.91
N PHE B 155 -5.14 3.82 23.84
CA PHE B 155 -5.68 3.69 22.50
C PHE B 155 -5.03 2.50 21.79
N VAL B 156 -5.82 1.78 20.99
CA VAL B 156 -5.28 0.67 20.20
C VAL B 156 -5.52 0.90 18.72
N TYR B 157 -4.63 0.36 17.91
CA TYR B 157 -4.72 0.43 16.45
C TYR B 157 -4.73 -0.99 15.92
N ARG B 158 -5.88 -1.42 15.41
CA ARG B 158 -6.08 -2.81 15.05
C ARG B 158 -6.18 -3.00 13.53
N LEU B 159 -5.14 -3.62 12.98
CA LEU B 159 -5.11 -4.00 11.57
C LEU B 159 -5.08 -5.53 11.50
N LEU B 160 -6.24 -6.15 11.75
CA LEU B 160 -6.31 -7.59 11.94
C LEU B 160 -6.84 -8.32 10.71
N ARG B 161 -6.29 -9.50 10.45
CA ARG B 161 -6.77 -10.40 9.41
C ARG B 161 -6.78 -9.77 8.02
N SER B 162 -5.79 -8.93 7.73
CA SER B 162 -5.63 -8.39 6.38
C SER B 162 -5.20 -9.53 5.47
N PRO B 163 -5.87 -9.69 4.31
CA PRO B 163 -5.42 -10.75 3.40
C PRO B 163 -3.96 -10.55 2.98
N MET B 164 -3.19 -11.62 3.00
CA MET B 164 -1.82 -11.60 2.52
C MET B 164 -1.86 -11.33 1.02
N CYS B 165 -1.08 -10.35 0.54
CA CYS B 165 -1.11 -10.01 -0.88
C CYS B 165 -0.62 -11.21 -1.68
N GLU B 166 -1.11 -11.34 -2.90
CA GLU B 166 -0.94 -12.56 -3.67
C GLU B 166 0.51 -12.87 -4.00
N TYR B 167 1.35 -11.84 -4.01
CA TYR B 167 2.78 -12.03 -4.28
C TYR B 167 3.40 -12.91 -3.21
N LEU B 168 3.16 -12.56 -1.95
CA LEU B 168 3.80 -13.25 -0.83
C LEU B 168 3.28 -14.67 -0.68
N VAL B 169 1.99 -14.88 -0.93
CA VAL B 169 1.41 -16.21 -0.85
C VAL B 169 2.07 -17.13 -1.88
N ASN B 170 2.26 -16.61 -3.09
CA ASN B 170 2.89 -17.37 -4.16
C ASN B 170 4.38 -17.57 -3.89
N PHE B 171 5.03 -16.52 -3.38
CA PHE B 171 6.43 -16.62 -2.97
C PHE B 171 6.60 -17.71 -1.92
N LEU B 172 5.64 -17.77 -0.99
CA LEU B 172 5.68 -18.75 0.08
C LEU B 172 5.60 -20.17 -0.44
N HIS B 173 4.65 -20.42 -1.33
CA HIS B 173 4.43 -21.77 -1.86
C HIS B 173 5.62 -22.25 -2.68
N LYS B 174 6.22 -21.32 -3.44
CA LYS B 174 7.45 -21.60 -4.17
C LYS B 174 8.58 -21.92 -3.20
N LEU B 175 8.74 -21.03 -2.22
CA LEU B 175 9.76 -21.17 -1.20
C LEU B 175 9.62 -22.49 -0.44
N ARG B 176 8.36 -22.93 -0.30
CA ARG B 176 8.04 -24.10 0.52
C ARG B 176 8.60 -25.40 -0.05
N GLN B 177 8.60 -25.51 -1.37
CA GLN B 177 8.89 -26.77 -2.04
C GLN B 177 10.37 -26.93 -2.42
N LEU B 178 11.20 -25.97 -2.00
CA LEU B 178 12.63 -26.05 -2.28
C LEU B 178 13.25 -27.28 -1.59
N PRO B 179 14.21 -27.94 -2.25
CA PRO B 179 14.73 -29.22 -1.74
C PRO B 179 15.58 -29.12 -0.47
N GLU B 180 16.25 -28.00 -0.25
CA GLU B 180 17.20 -27.86 0.85
C GLU B 180 16.96 -26.59 1.65
N ARG B 181 17.16 -26.71 2.96
CA ARG B 181 16.97 -25.58 3.88
C ARG B 181 17.97 -24.46 3.58
N TYR B 182 19.17 -24.83 3.16
CA TYR B 182 20.19 -23.83 2.86
C TYR B 182 19.85 -23.08 1.58
N MET B 183 19.08 -23.72 0.70
CA MET B 183 18.60 -23.05 -0.51
C MET B 183 17.50 -22.05 -0.14
N MET B 184 16.63 -22.46 0.78
CA MET B 184 15.61 -21.56 1.33
C MET B 184 16.27 -20.30 1.89
N ASN B 185 17.33 -20.48 2.68
CA ASN B 185 18.00 -19.37 3.35
C ASN B 185 18.77 -18.48 2.37
N SER B 186 19.30 -19.06 1.30
CA SER B 186 20.03 -18.28 0.31
C SER B 186 19.06 -17.38 -0.47
N VAL B 187 17.87 -17.89 -0.76
CA VAL B 187 16.84 -17.10 -1.42
C VAL B 187 16.34 -15.99 -0.48
N LEU B 188 16.14 -16.32 0.79
CA LEU B 188 15.65 -15.34 1.76
C LEU B 188 16.70 -14.29 2.10
N GLU B 189 17.96 -14.58 1.76
CA GLU B 189 19.05 -13.63 1.99
C GLU B 189 18.74 -12.30 1.32
N ASN B 190 18.09 -12.36 0.16
CA ASN B 190 17.79 -11.17 -0.63
C ASN B 190 16.31 -10.77 -0.56
N PHE B 191 15.60 -11.28 0.44
CA PHE B 191 14.19 -10.97 0.64
C PHE B 191 14.01 -10.22 1.95
N THR B 192 13.55 -8.97 1.85
CA THR B 192 13.37 -8.13 3.02
C THR B 192 12.03 -7.41 3.02
N ILE B 193 11.64 -6.93 4.20
CA ILE B 193 10.41 -6.16 4.36
C ILE B 193 10.68 -4.93 5.21
N LEU B 194 10.18 -3.78 4.77
CA LEU B 194 10.33 -2.54 5.51
C LEU B 194 8.96 -1.99 5.90
N GLN B 195 8.69 -1.97 7.20
CA GLN B 195 7.45 -1.43 7.72
C GLN B 195 7.66 -0.02 8.25
N VAL B 196 6.85 0.92 7.78
CA VAL B 196 6.94 2.32 8.17
C VAL B 196 5.59 2.83 8.66
N VAL B 197 5.54 3.23 9.94
CA VAL B 197 4.33 3.75 10.55
C VAL B 197 4.50 5.24 10.86
N THR B 198 3.60 6.05 10.31
CA THR B 198 3.68 7.50 10.47
C THR B 198 2.35 8.07 10.91
N ASN B 199 2.42 9.20 11.63
CA ASN B 199 1.24 9.98 11.96
C ASN B 199 0.72 10.63 10.67
N ARG B 200 -0.45 10.19 10.21
CA ARG B 200 -0.97 10.59 8.92
C ARG B 200 -1.13 12.11 8.77
N ASP B 201 -1.56 12.76 9.84
CA ASP B 201 -1.90 14.17 9.79
C ASP B 201 -0.67 15.09 9.84
N THR B 202 0.35 14.68 10.58
CA THR B 202 1.54 15.50 10.78
C THR B 202 2.76 14.98 10.00
N GLN B 203 2.60 13.83 9.36
CA GLN B 203 3.61 13.26 8.47
C GLN B 203 4.86 12.73 9.21
N GLU B 204 4.83 12.72 10.54
CA GLU B 204 6.01 12.35 11.30
C GLU B 204 6.12 10.85 11.54
N LEU B 205 7.36 10.34 11.55
CA LEU B 205 7.62 8.91 11.71
C LEU B 205 7.47 8.47 13.15
N LEU B 206 6.73 7.38 13.35
CA LEU B 206 6.51 6.82 14.69
C LEU B 206 7.30 5.53 14.88
N LEU B 207 7.40 4.73 13.82
CA LEU B 207 8.08 3.45 13.89
C LEU B 207 8.53 2.99 12.50
N CYS B 208 9.78 2.54 12.43
CA CYS B 208 10.31 1.96 11.21
C CYS B 208 11.02 0.65 11.53
N THR B 209 10.48 -0.45 11.01
CA THR B 209 11.02 -1.77 11.29
C THR B 209 11.50 -2.46 10.01
N ALA B 210 12.75 -2.92 10.04
CA ALA B 210 13.34 -3.69 8.97
C ALA B 210 13.28 -5.18 9.30
N TYR B 211 12.76 -5.98 8.38
CA TYR B 211 12.64 -7.42 8.58
C TYR B 211 13.60 -8.20 7.68
N VAL B 212 14.38 -9.09 8.28
CA VAL B 212 15.23 -10.01 7.54
C VAL B 212 14.85 -11.43 7.95
N PHE B 213 15.06 -12.40 7.07
CA PHE B 213 14.45 -13.72 7.20
C PHE B 213 15.39 -14.90 7.00
N GLU B 214 15.21 -15.91 7.84
CA GLU B 214 15.72 -17.25 7.61
C GLU B 214 14.58 -18.23 7.83
N VAL B 215 14.76 -19.49 7.45
CA VAL B 215 13.78 -20.52 7.78
C VAL B 215 14.16 -21.23 9.07
N SER B 216 13.14 -21.64 9.80
CA SER B 216 13.33 -22.45 10.99
C SER B 216 13.13 -23.92 10.62
N THR B 217 12.56 -24.69 11.53
CA THR B 217 12.18 -26.07 11.24
C THR B 217 10.71 -26.26 11.63
N SER B 218 10.20 -27.47 11.48
CA SER B 218 8.85 -27.78 11.94
C SER B 218 8.89 -28.10 13.44
N GLU B 219 9.99 -28.69 13.88
CA GLU B 219 10.20 -28.94 15.30
C GLU B 219 10.32 -27.60 16.04
N ARG B 220 11.18 -26.72 15.53
CA ARG B 220 11.33 -25.37 16.08
C ARG B 220 10.43 -24.39 15.34
N GLY B 221 9.29 -24.05 15.95
CA GLY B 221 8.38 -23.10 15.33
C GLY B 221 9.02 -21.74 15.11
N ALA B 222 8.20 -20.76 14.76
CA ALA B 222 8.72 -19.43 14.49
C ALA B 222 9.37 -18.81 15.72
N GLN B 223 10.45 -18.07 15.50
CA GLN B 223 11.11 -17.31 16.54
C GLN B 223 11.68 -16.03 15.93
N HIS B 224 12.13 -15.11 16.79
CA HIS B 224 12.61 -13.82 16.31
C HIS B 224 13.62 -13.18 17.26
N HIS B 225 14.31 -12.15 16.77
CA HIS B 225 15.26 -11.40 17.58
C HIS B 225 15.22 -9.93 17.15
N ILE B 226 15.03 -9.05 18.13
CA ILE B 226 14.84 -7.62 17.87
C ILE B 226 16.11 -6.82 18.20
N TYR B 227 16.46 -5.89 17.32
CA TYR B 227 17.61 -5.00 17.52
C TYR B 227 17.23 -3.54 17.36
N ARG B 228 17.98 -2.64 17.99
CA ARG B 228 17.87 -1.20 17.74
C ARG B 228 18.80 -0.79 16.59
N LEU B 229 18.24 -0.11 15.60
CA LEU B 229 19.06 0.41 14.51
C LEU B 229 19.68 1.75 14.90
N VAL B 230 21.02 1.76 14.95
CA VAL B 230 21.77 2.93 15.38
C VAL B 230 22.68 3.45 14.27
N ARG B 231 23.31 4.60 14.53
CA ARG B 231 24.25 5.20 13.60
C ARG B 231 25.10 6.23 14.34
N ASP B 232 26.40 6.24 14.07
CA ASP B 232 27.31 7.16 14.75
C ASP B 232 27.06 8.61 14.34
C13 EY1 C . -1.72 9.68 -11.31
C15 EY1 C . 0.61 10.07 -12.09
C17 EY1 C . 1.27 11.43 -14.13
C20 EY1 C . 3.30 9.60 -13.31
C21 EY1 C . 2.15 9.08 -13.92
C22 EY1 C . 1.46 10.14 -14.83
C24 EY1 C . 2.13 10.45 -11.47
C26 EY1 C . -0.89 9.22 -8.78
O01 EY1 C . -4.40 7.39 -8.97
C02 EY1 C . -4.06 7.93 -7.99
C03 EY1 C . -4.77 7.72 -6.69
S04 EY1 C . -3.50 8.29 -5.50
C05 EY1 C . -2.01 7.37 -5.15
N06 EY1 C . -1.85 6.09 -5.07
N07 EY1 C . -0.55 5.87 -4.79
C08 EY1 C . 0.03 7.03 -4.70
N09 EY1 C . -0.86 7.95 -4.93
N10 EY1 C . -2.97 8.85 -7.93
C11 EY1 C . -2.20 9.16 -9.08
C12 EY1 C . -2.64 9.40 -10.35
C14 EY1 C . -0.40 9.75 -11.01
C16 EY1 C . 0.17 11.09 -13.13
C18 EY1 C . 2.48 11.89 -13.50
C19 EY1 C . 3.13 10.85 -12.65
C23 EY1 C . 1.21 8.76 -12.89
C25 EY1 C . 0.01 9.51 -9.72
H131 EY1 C . -2.00 9.84 -12.19
H171 EY1 C . 0.95 12.10 -14.75
H202 EY1 C . 3.95 9.74 -14.01
H201 EY1 C . 3.67 8.95 -12.68
H211 EY1 C . 2.38 8.29 -14.44
H221 EY1 C . 0.62 9.79 -15.17
H222 EY1 C . 2.04 10.30 -15.59
H242 EY1 C . 2.03 11.21 -10.87
H241 EY1 C . 2.48 9.70 -10.97
H261 EY1 C . -0.60 9.07 -7.91
H032 EY1 C . -4.96 6.78 -6.56
H031 EY1 C . -5.56 8.26 -6.63
H081 EY1 C . 0.93 7.18 -4.52
H091 EY1 C . -0.72 8.79 -4.92
H101 EY1 C . -2.78 9.22 -7.17
H121 EY1 C . -3.54 9.36 -10.56
H162 EY1 C . -0.60 10.73 -13.61
H161 EY1 C . -0.11 11.89 -12.66
H181 EY1 C . 3.10 12.16 -14.19
H182 EY1 C . 2.28 12.67 -12.96
H191 EY1 C . 3.98 11.18 -12.30
H231 EY1 C . 1.61 8.15 -12.23
H232 EY1 C . 0.47 8.30 -13.30
H251 EY1 C . 0.91 9.54 -9.47
C13 EY1 D . 5.97 -11.85 6.64
C15 EY1 D . 6.16 -13.94 5.29
C17 EY1 D . 7.27 -16.10 6.01
C20 EY1 D . 7.06 -15.83 3.19
C21 EY1 D . 7.99 -15.05 3.86
C22 EY1 D . 8.44 -15.67 5.22
C24 EY1 D . 5.22 -14.88 4.27
C26 EY1 D . 3.90 -10.98 5.15
O01 EY1 D . 5.34 -7.62 6.74
C02 EY1 D . 4.21 -7.76 6.54
C03 EY1 D . 3.23 -6.62 6.56
S04 EY1 D . 1.84 -7.33 5.63
C05 EY1 D . 1.64 -7.26 3.86
N06 EY1 D . 2.19 -6.44 3.01
N07 EY1 D . 1.74 -6.77 1.78
C08 EY1 D . 0.93 -7.78 1.93
N09 EY1 D . 0.87 -8.07 3.19
N10 EY1 D . 3.60 -9.03 6.25
C11 EY1 D . 4.36 -10.22 6.18
C12 EY1 D . 5.41 -10.64 6.93
C14 EY1 D . 5.51 -12.60 5.62
C16 EY1 D . 6.66 -14.77 6.46
C18 EY1 D . 6.36 -16.92 5.24
C19 EY1 D . 5.94 -16.27 3.96
C23 EY1 D . 7.35 -13.81 4.18
C25 EY1 D . 4.47 -12.15 4.86
H131 EY1 D . 6.69 -12.15 7.15
H171 EY1 D . 7.56 -16.60 6.79
H202 EY1 D . 7.53 -16.64 2.88
H201 EY1 D . 6.74 -15.36 2.39
H211 EY1 D . 8.77 -14.89 3.30
H221 EY1 D . 8.98 -15.03 5.71
H222 EY1 D . 8.98 -16.44 5.02
H242 EY1 D . 4.36 -15.05 4.69
H241 EY1 D . 5.07 -14.40 3.43
H261 EY1 D . 3.19 -10.68 4.63
H032 EY1 D . 3.61 -5.86 6.09
H031 EY1 D . 2.99 -6.39 7.47
H081 EY1 D . 0.47 -8.21 1.24
H091 EY1 D . 0.40 -8.70 3.54
H101 EY1 D . 2.75 -9.05 6.09
H121 EY1 D . 5.72 -10.13 7.63
H162 EY1 D . 7.33 -14.26 6.94
H161 EY1 D . 5.91 -14.94 7.05
H181 EY1 D . 6.80 -17.75 5.03
H182 EY1 D . 5.57 -17.10 5.77
H191 EY1 D . 5.37 -16.86 3.44
H231 EY1 D . 6.99 -13.39 3.39
H232 EY1 D . 8.02 -13.21 4.55
H251 EY1 D . 4.12 -12.64 4.15
#